data_231D
# 
_entry.id   231D 
# 
_audit_conform.dict_name       mmcif_pdbx.dic 
_audit_conform.dict_version    5.387 
_audit_conform.dict_location   http://mmcif.pdb.org/dictionaries/ascii/mmcif_pdbx.dic 
# 
loop_
_database_2.database_id 
_database_2.database_code 
_database_2.pdbx_database_accession 
_database_2.pdbx_DOI 
PDB   231D         pdb_0000231d 10.2210/pdb231d/pdb 
RCSB  DDF060       ?            ?                   
WWPDB D_1000177613 ?            ?                   
# 
loop_
_pdbx_audit_revision_history.ordinal 
_pdbx_audit_revision_history.data_content_type 
_pdbx_audit_revision_history.major_revision 
_pdbx_audit_revision_history.minor_revision 
_pdbx_audit_revision_history.revision_date 
1 'Structure model' 1 0 1996-03-22 
2 'Structure model' 1 1 2008-05-22 
3 'Structure model' 1 2 2011-07-13 
4 'Structure model' 1 3 2024-02-14 
# 
_pdbx_audit_revision_details.ordinal             1 
_pdbx_audit_revision_details.revision_ordinal    1 
_pdbx_audit_revision_details.data_content_type   'Structure model' 
_pdbx_audit_revision_details.provider            repository 
_pdbx_audit_revision_details.type                'Initial release' 
_pdbx_audit_revision_details.description         ? 
_pdbx_audit_revision_details.details             ? 
# 
loop_
_pdbx_audit_revision_group.ordinal 
_pdbx_audit_revision_group.revision_ordinal 
_pdbx_audit_revision_group.data_content_type 
_pdbx_audit_revision_group.group 
1 2 'Structure model' 'Version format compliance' 
2 3 'Structure model' 'Version format compliance' 
3 4 'Structure model' 'Data collection'           
4 4 'Structure model' 'Database references'       
5 4 'Structure model' 'Derived calculations'      
# 
loop_
_pdbx_audit_revision_category.ordinal 
_pdbx_audit_revision_category.revision_ordinal 
_pdbx_audit_revision_category.data_content_type 
_pdbx_audit_revision_category.category 
1 4 'Structure model' chem_comp_atom 
2 4 'Structure model' chem_comp_bond 
3 4 'Structure model' database_2     
4 4 'Structure model' struct_site    
# 
loop_
_pdbx_audit_revision_item.ordinal 
_pdbx_audit_revision_item.revision_ordinal 
_pdbx_audit_revision_item.data_content_type 
_pdbx_audit_revision_item.item 
1 4 'Structure model' '_database_2.pdbx_DOI'                
2 4 'Structure model' '_database_2.pdbx_database_accession' 
3 4 'Structure model' '_struct_site.pdbx_auth_asym_id'      
4 4 'Structure model' '_struct_site.pdbx_auth_comp_id'      
5 4 'Structure model' '_struct_site.pdbx_auth_seq_id'       
# 
_pdbx_database_status.status_code                     REL 
_pdbx_database_status.entry_id                        231D 
_pdbx_database_status.recvd_initial_deposition_date   1995-08-25 
_pdbx_database_status.deposit_site                    BNL 
_pdbx_database_status.process_site                    NDB 
_pdbx_database_status.SG_entry                        . 
_pdbx_database_status.pdb_format_compatible           Y 
_pdbx_database_status.status_code_mr                  ? 
_pdbx_database_status.status_code_sf                  ? 
_pdbx_database_status.status_code_cs                  ? 
_pdbx_database_status.status_code_nmr_data            ? 
_pdbx_database_status.methods_development_category    ? 
# 
loop_
_audit_author.name 
_audit_author.pdbx_ordinal 
'Lipscomb, L.A.' 1 
'Zhou, F.X.'     2 
'Presnell, S.R.' 3 
'Woo, R.J.'      4 
'Peek, M.E.'     5 
'Plaskon, R.R.'  6 
'Williams, L.D.' 7 
# 
_citation.id                        primary 
_citation.title                     'Structure of DNA-porphyrin complex.' 
_citation.journal_abbrev            Biochemistry 
_citation.journal_volume            35 
_citation.page_first                2818 
_citation.page_last                 2823 
_citation.year                      1996 
_citation.journal_id_ASTM           BICHAW 
_citation.country                   US 
_citation.journal_id_ISSN           0006-2960 
_citation.journal_id_CSD            0033 
_citation.book_publisher            ? 
_citation.pdbx_database_id_PubMed   8608116 
_citation.pdbx_database_id_DOI      10.1021/bi952443z 
# 
loop_
_citation_author.citation_id 
_citation_author.name 
_citation_author.ordinal 
_citation_author.identifier_ORCID 
primary 'Lipscomb, L.A.' 1 ? 
primary 'Zhou, F.X.'     2 ? 
primary 'Presnell, S.R.' 3 ? 
primary 'Woo, R.J.'      4 ? 
primary 'Peek, M.E.'     5 ? 
primary 'Plaskon, R.R.'  6 ? 
primary 'Williams, L.D.' 7 ? 
# 
loop_
_entity.id 
_entity.type 
_entity.src_method 
_entity.pdbx_description 
_entity.formula_weight 
_entity.pdbx_number_of_molecules 
_entity.pdbx_ec 
_entity.pdbx_mutation 
_entity.pdbx_fragment 
_entity.details 
1 polymer     syn 
;DNA (5'-D(*CP*GP*AP*TP*CP*G)-3')
;
1809.217 1  ? ? ? ? 
2 non-polymer syn 'CU(II)MESO(4-N-TETRAMETHYLPYRIDYL)PORPHYRIN' 740.356  1  ? ? ? ? 
3 non-polymer syn 'SODIUM ION'                                  22.990   1  ? ? ? ? 
4 water       nat water                                         18.015   29 ? ? ? ? 
# 
_entity_poly.entity_id                      1 
_entity_poly.type                           polydeoxyribonucleotide 
_entity_poly.nstd_linkage                   no 
_entity_poly.nstd_monomer                   no 
_entity_poly.pdbx_seq_one_letter_code       '(DC)(DG)(DA)(DT)(DC)(DG)' 
_entity_poly.pdbx_seq_one_letter_code_can   CGATCG 
_entity_poly.pdbx_strand_id                 A 
_entity_poly.pdbx_target_identifier         ? 
# 
loop_
_pdbx_entity_nonpoly.entity_id 
_pdbx_entity_nonpoly.name 
_pdbx_entity_nonpoly.comp_id 
2 'CU(II)MESO(4-N-TETRAMETHYLPYRIDYL)PORPHYRIN' PCU 
3 'SODIUM ION'                                  NA  
4 water                                         HOH 
# 
loop_
_entity_poly_seq.entity_id 
_entity_poly_seq.num 
_entity_poly_seq.mon_id 
_entity_poly_seq.hetero 
1 1 DC n 
1 2 DG n 
1 3 DA n 
1 4 DT n 
1 5 DC n 
1 6 DG n 
# 
loop_
_chem_comp.id 
_chem_comp.type 
_chem_comp.mon_nstd_flag 
_chem_comp.name 
_chem_comp.pdbx_synonyms 
_chem_comp.formula 
_chem_comp.formula_weight 
DA  'DNA linking' y "2'-DEOXYADENOSINE-5'-MONOPHOSPHATE"          ? 'C10 H14 N5 O6 P' 331.222 
DC  'DNA linking' y "2'-DEOXYCYTIDINE-5'-MONOPHOSPHATE"           ? 'C9 H14 N3 O7 P'  307.197 
DG  'DNA linking' y "2'-DEOXYGUANOSINE-5'-MONOPHOSPHATE"          ? 'C10 H14 N5 O7 P' 347.221 
DT  'DNA linking' y "THYMIDINE-5'-MONOPHOSPHATE"                  ? 'C10 H15 N2 O8 P' 322.208 
HOH non-polymer   . WATER                                         ? 'H2 O'            18.015  
NA  non-polymer   . 'SODIUM ION'                                  ? 'Na 1'            22.990  
PCU non-polymer   . 'CU(II)MESO(4-N-TETRAMETHYLPYRIDYL)PORPHYRIN' ? 'C44 H36 Cu N8'   740.356 
# 
loop_
_pdbx_poly_seq_scheme.asym_id 
_pdbx_poly_seq_scheme.entity_id 
_pdbx_poly_seq_scheme.seq_id 
_pdbx_poly_seq_scheme.mon_id 
_pdbx_poly_seq_scheme.ndb_seq_num 
_pdbx_poly_seq_scheme.pdb_seq_num 
_pdbx_poly_seq_scheme.auth_seq_num 
_pdbx_poly_seq_scheme.pdb_mon_id 
_pdbx_poly_seq_scheme.auth_mon_id 
_pdbx_poly_seq_scheme.pdb_strand_id 
_pdbx_poly_seq_scheme.pdb_ins_code 
_pdbx_poly_seq_scheme.hetero 
A 1 1 DC 1 1 1 DC C A . n 
A 1 2 DG 2 2 2 DG G A . n 
A 1 3 DA 3 3 3 DA A A . n 
A 1 4 DT 4 4 4 DT T A . n 
A 1 5 DC 5 5 5 DC C A . n 
A 1 6 DG 6 6 6 DG G A . n 
# 
loop_
_pdbx_nonpoly_scheme.asym_id 
_pdbx_nonpoly_scheme.entity_id 
_pdbx_nonpoly_scheme.mon_id 
_pdbx_nonpoly_scheme.ndb_seq_num 
_pdbx_nonpoly_scheme.pdb_seq_num 
_pdbx_nonpoly_scheme.auth_seq_num 
_pdbx_nonpoly_scheme.pdb_mon_id 
_pdbx_nonpoly_scheme.auth_mon_id 
_pdbx_nonpoly_scheme.pdb_strand_id 
_pdbx_nonpoly_scheme.pdb_ins_code 
B 2 PCU 1  7  7  PCU PCU A . 
C 3 NA  1  8  8  NA  NA  A . 
D 4 HOH 1  9  9  HOH HOH A . 
D 4 HOH 2  10 10 HOH HOH A . 
D 4 HOH 3  11 11 HOH HOH A . 
D 4 HOH 4  12 12 HOH HOH A . 
D 4 HOH 5  13 13 HOH HOH A . 
D 4 HOH 6  14 14 HOH HOH A . 
D 4 HOH 7  15 15 HOH HOH A . 
D 4 HOH 8  16 16 HOH HOH A . 
D 4 HOH 9  17 17 HOH HOH A . 
D 4 HOH 10 18 18 HOH HOH A . 
D 4 HOH 11 19 19 HOH HOH A . 
D 4 HOH 12 20 20 HOH HOH A . 
D 4 HOH 13 21 21 HOH HOH A . 
D 4 HOH 14 22 22 HOH HOH A . 
D 4 HOH 15 23 23 HOH HOH A . 
D 4 HOH 16 24 24 HOH HOH A . 
D 4 HOH 17 25 25 HOH HOH A . 
D 4 HOH 18 26 26 HOH HOH A . 
D 4 HOH 19 27 27 HOH HOH A . 
D 4 HOH 20 28 28 HOH HOH A . 
D 4 HOH 21 29 29 HOH HOH A . 
D 4 HOH 22 30 30 HOH HOH A . 
D 4 HOH 23 31 31 HOH HOH A . 
D 4 HOH 24 32 32 HOH HOH A . 
D 4 HOH 25 33 33 HOH HOH A . 
D 4 HOH 26 34 34 HOH HOH A . 
D 4 HOH 27 35 35 HOH HOH A . 
D 4 HOH 28 36 36 HOH HOH A . 
D 4 HOH 29 37 37 HOH HOH A . 
# 
_software.name             X-PLOR 
_software.classification   refinement 
_software.version          . 
_software.citation_id      ? 
_software.pdbx_ordinal     1 
# 
_cell.entry_id           231D 
_cell.length_a           39.490 
_cell.length_b           39.490 
_cell.length_c           56.150 
_cell.angle_alpha        90.00 
_cell.angle_beta         90.00 
_cell.angle_gamma        120.00 
_cell.Z_PDB              12 
_cell.pdbx_unique_axis   ? 
# 
_symmetry.entry_id                         231D 
_symmetry.space_group_name_H-M             'P 61 2 2' 
_symmetry.pdbx_full_space_group_name_H-M   ? 
_symmetry.cell_setting                     ? 
_symmetry.Int_Tables_number                178 
# 
_exptl.entry_id          231D 
_exptl.method            'X-RAY DIFFRACTION' 
_exptl.crystals_number   ? 
# 
_exptl_crystal.id                    1 
_exptl_crystal.density_meas          ? 
_exptl_crystal.density_Matthews      3.49 
_exptl_crystal.density_percent_sol   64.79 
_exptl_crystal.description           ? 
# 
_exptl_crystal_grow.crystal_id      1 
_exptl_crystal_grow.method          'VAPOR DIFFUSION' 
_exptl_crystal_grow.temp            ? 
_exptl_crystal_grow.temp_details    ? 
_exptl_crystal_grow.pH              6.50 
_exptl_crystal_grow.pdbx_details    'pH 6.50, VAPOR DIFFUSION' 
_exptl_crystal_grow.pdbx_pH_range   ? 
# 
loop_
_exptl_crystal_grow_comp.crystal_id 
_exptl_crystal_grow_comp.id 
_exptl_crystal_grow_comp.sol_id 
_exptl_crystal_grow_comp.name 
_exptl_crystal_grow_comp.volume 
_exptl_crystal_grow_comp.conc 
_exptl_crystal_grow_comp.details 
1 1 1 WATER           ? ? ? 
1 2 1 MPD             ? ? ? 
1 3 1 MGCL2           ? ? ? 
1 4 1 SPERMINE_HCL    ? ? ? 
1 5 1 'NA CACODYLATE' ? ? ? 
1 6 2 WATER           ? ? ? 
1 7 2 MPD             ? ? ? 
1 8 3 WATER           ? ? ? 
1 9 3 K2PTCL4         ? ? ? 
# 
_diffrn.id                     1 
_diffrn.ambient_temp           296.00 
_diffrn.ambient_temp_details   ? 
_diffrn.crystal_id             1 
# 
_diffrn_detector.diffrn_id              1 
_diffrn_detector.detector               'AREA DETECTOR' 
_diffrn_detector.type                   SDMS 
_diffrn_detector.pdbx_collection_date   ? 
_diffrn_detector.details                ? 
# 
_diffrn_radiation.diffrn_id                        1 
_diffrn_radiation.wavelength_id                    1 
_diffrn_radiation.pdbx_monochromatic_or_laue_m_l   ? 
_diffrn_radiation.monochromator                    ? 
_diffrn_radiation.pdbx_diffrn_protocol             ? 
_diffrn_radiation.pdbx_scattering_type             x-ray 
# 
_diffrn_radiation_wavelength.id           1 
_diffrn_radiation_wavelength.wavelength   . 
_diffrn_radiation_wavelength.wt           1.0 
# 
_diffrn_source.diffrn_id                   1 
_diffrn_source.source                      'ROTATING ANODE' 
_diffrn_source.type                        'RIGAKU RU200' 
_diffrn_source.pdbx_synchrotron_site       ? 
_diffrn_source.pdbx_synchrotron_beamline   ? 
_diffrn_source.pdbx_wavelength             ? 
_diffrn_source.pdbx_wavelength_list        ? 
# 
_reflns.entry_id                     231D 
_reflns.observed_criterion_sigma_I   ? 
_reflns.observed_criterion_sigma_F   ? 
_reflns.d_resolution_low             ? 
_reflns.d_resolution_high            2.300 
_reflns.number_obs                   1334 
_reflns.number_all                   49552 
_reflns.percent_possible_obs         ? 
_reflns.pdbx_Rmerge_I_obs            ? 
_reflns.pdbx_Rsym_value              ? 
_reflns.pdbx_netI_over_sigmaI        ? 
_reflns.B_iso_Wilson_estimate        ? 
_reflns.pdbx_redundancy              ? 
_reflns.pdbx_diffrn_id               1 
_reflns.pdbx_ordinal                 1 
# 
_refine.entry_id                                 231D 
_refine.ls_number_reflns_obs                     937 
_refine.ls_number_reflns_all                     ? 
_refine.pdbx_ls_sigma_I                          ? 
_refine.pdbx_ls_sigma_F                          1.500 
_refine.pdbx_data_cutoff_high_absF               ? 
_refine.pdbx_data_cutoff_low_absF                ? 
_refine.pdbx_data_cutoff_high_rms_absF           ? 
_refine.ls_d_res_low                             8.000 
_refine.ls_d_res_high                            2.400 
_refine.ls_percent_reflns_obs                    81.500 
_refine.ls_R_factor_obs                          0.2190000 
_refine.ls_R_factor_all                          ? 
_refine.ls_R_factor_R_work                       0.2190000 
_refine.ls_R_factor_R_free                       ? 
_refine.ls_R_factor_R_free_error                 ? 
_refine.ls_R_factor_R_free_error_details         ? 
_refine.ls_percent_reflns_R_free                 ? 
_refine.ls_number_reflns_R_free                  ? 
_refine.ls_number_parameters                     ? 
_refine.ls_number_restraints                     ? 
_refine.occupancy_min                            ? 
_refine.occupancy_max                            ? 
_refine.B_iso_mean                               ? 
_refine.aniso_B[1][1]                            ? 
_refine.aniso_B[2][2]                            ? 
_refine.aniso_B[3][3]                            ? 
_refine.aniso_B[1][2]                            ? 
_refine.aniso_B[1][3]                            ? 
_refine.aniso_B[2][3]                            ? 
_refine.solvent_model_details                    ? 
_refine.solvent_model_param_ksol                 ? 
_refine.solvent_model_param_bsol                 ? 
_refine.pdbx_ls_cross_valid_method               ? 
_refine.details                                  ? 
_refine.pdbx_starting_model                      ? 
_refine.pdbx_method_to_determine_struct          ? 
_refine.pdbx_isotropic_thermal_model             ? 
_refine.pdbx_stereochemistry_target_values       ? 
_refine.pdbx_stereochem_target_val_spec_case     ? 
_refine.pdbx_R_Free_selection_details            ? 
_refine.pdbx_overall_ESU_R                       ? 
_refine.pdbx_overall_ESU_R_Free                  ? 
_refine.overall_SU_ML                            ? 
_refine.overall_SU_B                             ? 
_refine.pdbx_refine_id                           'X-RAY DIFFRACTION' 
_refine.pdbx_diffrn_id                           1 
_refine.pdbx_TLS_residual_ADP_flag               ? 
_refine.correlation_coeff_Fo_to_Fc               ? 
_refine.correlation_coeff_Fo_to_Fc_free          ? 
_refine.pdbx_solvent_vdw_probe_radii             ? 
_refine.pdbx_solvent_ion_probe_radii             ? 
_refine.pdbx_solvent_shrinkage_radii             ? 
_refine.pdbx_overall_phase_error                 ? 
_refine.overall_SU_R_Cruickshank_DPI             ? 
_refine.pdbx_overall_SU_R_free_Cruickshank_DPI   ? 
_refine.pdbx_overall_SU_R_Blow_DPI               ? 
_refine.pdbx_overall_SU_R_free_Blow_DPI          ? 
# 
_refine_hist.pdbx_refine_id                   'X-RAY DIFFRACTION' 
_refine_hist.cycle_id                         LAST 
_refine_hist.pdbx_number_atoms_protein        0 
_refine_hist.pdbx_number_atoms_nucleic_acid   120 
_refine_hist.pdbx_number_atoms_ligand         54 
_refine_hist.number_atoms_solvent             29 
_refine_hist.number_atoms_total               203 
_refine_hist.d_res_high                       2.400 
_refine_hist.d_res_low                        8.000 
# 
loop_
_refine_ls_restr.type 
_refine_ls_restr.dev_ideal 
_refine_ls_restr.dev_ideal_target 
_refine_ls_restr.weight 
_refine_ls_restr.number 
_refine_ls_restr.pdbx_refine_id 
_refine_ls_restr.pdbx_restraint_function 
x_bond_d                0.015 ? ? ? 'X-RAY DIFFRACTION' ? 
x_bond_d_na             ?     ? ? ? 'X-RAY DIFFRACTION' ? 
x_bond_d_prot           ?     ? ? ? 'X-RAY DIFFRACTION' ? 
x_angle_d               ?     ? ? ? 'X-RAY DIFFRACTION' ? 
x_angle_d_na            ?     ? ? ? 'X-RAY DIFFRACTION' ? 
x_angle_d_prot          ?     ? ? ? 'X-RAY DIFFRACTION' ? 
x_angle_deg             3.16  ? ? ? 'X-RAY DIFFRACTION' ? 
x_angle_deg_na          ?     ? ? ? 'X-RAY DIFFRACTION' ? 
x_angle_deg_prot        ?     ? ? ? 'X-RAY DIFFRACTION' ? 
x_dihedral_angle_d      ?     ? ? ? 'X-RAY DIFFRACTION' ? 
x_dihedral_angle_d_na   ?     ? ? ? 'X-RAY DIFFRACTION' ? 
x_dihedral_angle_d_prot ?     ? ? ? 'X-RAY DIFFRACTION' ? 
x_improper_angle_d      ?     ? ? ? 'X-RAY DIFFRACTION' ? 
x_improper_angle_d_na   ?     ? ? ? 'X-RAY DIFFRACTION' ? 
x_improper_angle_d_prot ?     ? ? ? 'X-RAY DIFFRACTION' ? 
x_mcbond_it             ?     ? ? ? 'X-RAY DIFFRACTION' ? 
x_mcangle_it            ?     ? ? ? 'X-RAY DIFFRACTION' ? 
x_scbond_it             ?     ? ? ? 'X-RAY DIFFRACTION' ? 
x_scangle_it            ?     ? ? ? 'X-RAY DIFFRACTION' ? 
# 
_struct.entry_id                  231D 
_struct.title                     'STRUCTURE OF A DNA-PORPHYRIN COMPLEX' 
_struct.pdbx_model_details        ? 
_struct.pdbx_CASP_flag            ? 
_struct.pdbx_model_type_details   ? 
# 
_struct_keywords.entry_id        231D 
_struct_keywords.pdbx_keywords   DNA 
_struct_keywords.text            'RIGHT HANDED DNA, DOUBLE HELIX, FLIPPED-OUT BASES, COMPLEXED WITH DRUG, DNA' 
# 
loop_
_struct_asym.id 
_struct_asym.pdbx_blank_PDB_chainid_flag 
_struct_asym.pdbx_modified 
_struct_asym.entity_id 
_struct_asym.details 
A N N 1 ? 
B N N 2 ? 
C N N 3 ? 
D N N 4 ? 
# 
_struct_ref.id                         1 
_struct_ref.entity_id                  1 
_struct_ref.db_name                    PDB 
_struct_ref.db_code                    231D 
_struct_ref.pdbx_db_accession          231D 
_struct_ref.pdbx_db_isoform            ? 
_struct_ref.pdbx_seq_one_letter_code   ? 
_struct_ref.pdbx_align_begin           ? 
# 
_struct_ref_seq.align_id                      1 
_struct_ref_seq.ref_id                        1 
_struct_ref_seq.pdbx_PDB_id_code              231D 
_struct_ref_seq.pdbx_strand_id                A 
_struct_ref_seq.seq_align_beg                 1 
_struct_ref_seq.pdbx_seq_align_beg_ins_code   ? 
_struct_ref_seq.seq_align_end                 6 
_struct_ref_seq.pdbx_seq_align_end_ins_code   ? 
_struct_ref_seq.pdbx_db_accession             231D 
_struct_ref_seq.db_align_beg                  1 
_struct_ref_seq.pdbx_db_align_beg_ins_code    ? 
_struct_ref_seq.db_align_end                  6 
_struct_ref_seq.pdbx_db_align_end_ins_code    ? 
_struct_ref_seq.pdbx_auth_seq_align_beg       1 
_struct_ref_seq.pdbx_auth_seq_align_end       6 
# 
_pdbx_struct_assembly.id                   1 
_pdbx_struct_assembly.details              author_defined_assembly 
_pdbx_struct_assembly.method_details       ? 
_pdbx_struct_assembly.oligomeric_details   dimeric 
_pdbx_struct_assembly.oligomeric_count     2 
# 
_pdbx_struct_assembly_gen.assembly_id       1 
_pdbx_struct_assembly_gen.oper_expression   1,2 
_pdbx_struct_assembly_gen.asym_id_list      A,B,C,D 
# 
loop_
_pdbx_struct_oper_list.id 
_pdbx_struct_oper_list.type 
_pdbx_struct_oper_list.name 
_pdbx_struct_oper_list.symmetry_operation 
_pdbx_struct_oper_list.matrix[1][1] 
_pdbx_struct_oper_list.matrix[1][2] 
_pdbx_struct_oper_list.matrix[1][3] 
_pdbx_struct_oper_list.vector[1] 
_pdbx_struct_oper_list.matrix[2][1] 
_pdbx_struct_oper_list.matrix[2][2] 
_pdbx_struct_oper_list.matrix[2][3] 
_pdbx_struct_oper_list.vector[2] 
_pdbx_struct_oper_list.matrix[3][1] 
_pdbx_struct_oper_list.matrix[3][2] 
_pdbx_struct_oper_list.matrix[3][3] 
_pdbx_struct_oper_list.vector[3] 
1 'identity operation'         1_555  x,y,z          1.0000000000  0.0000000000 0.0000000000  0.0000000000 0.0000000000 1.0000000000 0.0000000000  0.0000000000  0.0000000000  0.0000000000  1.0000000000  0.0000000000 
2 'crystal symmetry operation' 12_546 x,x-y-1,-z+7/6 -0.8622452978 0.4545400252 -0.2234421895 8.5093458597 0.4545400252 0.4998154770 -0.7372773254 -0.1999159145 -0.2234421895 -0.7372773254 -0.6375701792 4.8394290391 
# 
_struct_biol.id   1 
# 
loop_
_struct_conn.id 
_struct_conn.conn_type_id 
_struct_conn.pdbx_leaving_atom_flag 
_struct_conn.pdbx_PDB_id 
_struct_conn.ptnr1_label_asym_id 
_struct_conn.ptnr1_label_comp_id 
_struct_conn.ptnr1_label_seq_id 
_struct_conn.ptnr1_label_atom_id 
_struct_conn.pdbx_ptnr1_label_alt_id 
_struct_conn.pdbx_ptnr1_PDB_ins_code 
_struct_conn.pdbx_ptnr1_standard_comp_id 
_struct_conn.ptnr1_symmetry 
_struct_conn.ptnr2_label_asym_id 
_struct_conn.ptnr2_label_comp_id 
_struct_conn.ptnr2_label_seq_id 
_struct_conn.ptnr2_label_atom_id 
_struct_conn.pdbx_ptnr2_label_alt_id 
_struct_conn.pdbx_ptnr2_PDB_ins_code 
_struct_conn.ptnr1_auth_asym_id 
_struct_conn.ptnr1_auth_comp_id 
_struct_conn.ptnr1_auth_seq_id 
_struct_conn.ptnr2_auth_asym_id 
_struct_conn.ptnr2_auth_comp_id 
_struct_conn.ptnr2_auth_seq_id 
_struct_conn.ptnr2_symmetry 
_struct_conn.pdbx_ptnr3_label_atom_id 
_struct_conn.pdbx_ptnr3_label_seq_id 
_struct_conn.pdbx_ptnr3_label_comp_id 
_struct_conn.pdbx_ptnr3_label_asym_id 
_struct_conn.pdbx_ptnr3_label_alt_id 
_struct_conn.pdbx_ptnr3_PDB_ins_code 
_struct_conn.details 
_struct_conn.pdbx_dist_value 
_struct_conn.pdbx_value_order 
_struct_conn.pdbx_role 
metalc1  metalc ? ? A DT 4 O2 ? ? ? 1_555 C NA . NA ? ? A DT 4 A NA 8 1_555  ? ? ? ? ? ? ?            2.416 ? ? 
hydrog1  hydrog ? ? A DG 2 N1 ? ? ? 1_555 A DC 5 N3 ? ? A DG 2 A DC 5 12_546 ? ? ? ? ? ? WATSON-CRICK ?     ? ? 
hydrog2  hydrog ? ? A DG 2 N2 ? ? ? 1_555 A DC 5 O2 ? ? A DG 2 A DC 5 12_546 ? ? ? ? ? ? WATSON-CRICK ?     ? ? 
hydrog3  hydrog ? ? A DG 2 O6 ? ? ? 1_555 A DC 5 N4 ? ? A DG 2 A DC 5 12_546 ? ? ? ? ? ? WATSON-CRICK ?     ? ? 
hydrog4  hydrog ? ? A DA 3 N1 ? ? ? 1_555 A DT 4 N3 ? ? A DA 3 A DT 4 12_546 ? ? ? ? ? ? WATSON-CRICK ?     ? ? 
hydrog5  hydrog ? ? A DA 3 N6 ? ? ? 1_555 A DT 4 O4 ? ? A DA 3 A DT 4 12_546 ? ? ? ? ? ? WATSON-CRICK ?     ? ? 
hydrog6  hydrog ? ? A DT 4 N3 ? ? ? 1_555 A DA 3 N1 ? ? A DT 4 A DA 3 12_546 ? ? ? ? ? ? WATSON-CRICK ?     ? ? 
hydrog7  hydrog ? ? A DT 4 O4 ? ? ? 1_555 A DA 3 N6 ? ? A DT 4 A DA 3 12_546 ? ? ? ? ? ? WATSON-CRICK ?     ? ? 
hydrog8  hydrog ? ? A DC 5 N3 ? ? ? 1_555 A DG 2 N1 ? ? A DC 5 A DG 2 12_546 ? ? ? ? ? ? WATSON-CRICK ?     ? ? 
hydrog9  hydrog ? ? A DC 5 N4 ? ? ? 1_555 A DG 2 O6 ? ? A DC 5 A DG 2 12_546 ? ? ? ? ? ? WATSON-CRICK ?     ? ? 
hydrog10 hydrog ? ? A DC 5 O2 ? ? ? 1_555 A DG 2 N2 ? ? A DC 5 A DG 2 12_546 ? ? ? ? ? ? WATSON-CRICK ?     ? ? 
# 
loop_
_struct_conn_type.id 
_struct_conn_type.criteria 
_struct_conn_type.reference 
metalc ? ? 
hydrog ? ? 
# 
loop_
_struct_site.id 
_struct_site.pdbx_evidence_code 
_struct_site.pdbx_auth_asym_id 
_struct_site.pdbx_auth_comp_id 
_struct_site.pdbx_auth_seq_id 
_struct_site.pdbx_auth_ins_code 
_struct_site.pdbx_num_residues 
_struct_site.details 
AC1 Software A PCU 7 ? 6 'BINDING SITE FOR RESIDUE PCU A 7' 
AC2 Software A NA  8 ? 4 'BINDING SITE FOR RESIDUE NA A 8'  
1   ?        ? ?   ? ? ? ?                                  
# 
loop_
_struct_site_gen.id 
_struct_site_gen.site_id 
_struct_site_gen.pdbx_num_res 
_struct_site_gen.label_comp_id 
_struct_site_gen.label_asym_id 
_struct_site_gen.label_seq_id 
_struct_site_gen.pdbx_auth_ins_code 
_struct_site_gen.auth_comp_id 
_struct_site_gen.auth_asym_id 
_struct_site_gen.auth_seq_id 
_struct_site_gen.label_atom_id 
_struct_site_gen.label_alt_id 
_struct_site_gen.symmetry 
_struct_site_gen.details 
1  AC1 6 DC  A 1 ? DC  A 1  . ? 2_545  ? 
2  AC1 6 DG  A 2 ? DG  A 2  . ? 12_546 ? 
3  AC1 6 DG  A 2 ? DG  A 2  . ? 2_545  ? 
4  AC1 6 DC  A 5 ? DC  A 5  . ? 1_555  ? 
5  AC1 6 DG  A 6 ? DG  A 6  . ? 1_555  ? 
6  AC1 6 HOH D . ? HOH A 29 . ? 12_546 ? 
7  AC2 4 DT  A 4 ? DT  A 4  . ? 12_546 ? 
8  AC2 4 DT  A 4 ? DT  A 4  . ? 1_555  ? 
9  AC2 4 HOH D . ? HOH A 13 . ? 1_555  ? 
10 AC2 4 HOH D . ? HOH A 13 . ? 12_546 ? 
# 
loop_
_pdbx_validate_rmsd_angle.id 
_pdbx_validate_rmsd_angle.PDB_model_num 
_pdbx_validate_rmsd_angle.auth_atom_id_1 
_pdbx_validate_rmsd_angle.auth_asym_id_1 
_pdbx_validate_rmsd_angle.auth_comp_id_1 
_pdbx_validate_rmsd_angle.auth_seq_id_1 
_pdbx_validate_rmsd_angle.PDB_ins_code_1 
_pdbx_validate_rmsd_angle.label_alt_id_1 
_pdbx_validate_rmsd_angle.auth_atom_id_2 
_pdbx_validate_rmsd_angle.auth_asym_id_2 
_pdbx_validate_rmsd_angle.auth_comp_id_2 
_pdbx_validate_rmsd_angle.auth_seq_id_2 
_pdbx_validate_rmsd_angle.PDB_ins_code_2 
_pdbx_validate_rmsd_angle.label_alt_id_2 
_pdbx_validate_rmsd_angle.auth_atom_id_3 
_pdbx_validate_rmsd_angle.auth_asym_id_3 
_pdbx_validate_rmsd_angle.auth_comp_id_3 
_pdbx_validate_rmsd_angle.auth_seq_id_3 
_pdbx_validate_rmsd_angle.PDB_ins_code_3 
_pdbx_validate_rmsd_angle.label_alt_id_3 
_pdbx_validate_rmsd_angle.angle_value 
_pdbx_validate_rmsd_angle.angle_target_value 
_pdbx_validate_rmsd_angle.angle_deviation 
_pdbx_validate_rmsd_angle.angle_standard_deviation 
_pdbx_validate_rmsd_angle.linker_flag 
1  1 "O4'" A DC 1 ? ? "C1'" A DC 1 ? ? N1    A DC 1 ? ? 110.50 108.30 2.20   0.30 N 
2  1 N1    A DC 1 ? ? C2    A DC 1 ? ? O2    A DC 1 ? ? 123.03 118.90 4.13   0.60 N 
3  1 N3    A DC 1 ? ? C2    A DC 1 ? ? O2    A DC 1 ? ? 116.85 121.90 -5.05  0.70 N 
4  1 "O3'" A DC 1 ? ? P     A DG 2 ? ? "O5'" A DG 2 ? ? 91.09  104.00 -12.91 1.90 Y 
5  1 "C3'" A DG 2 ? ? "O3'" A DG 2 ? ? P     A DA 3 ? ? 127.34 119.70 7.64   1.20 Y 
6  1 "C4'" A DA 3 ? ? "C3'" A DA 3 ? ? "C2'" A DA 3 ? ? 97.68  102.20 -4.52  0.70 N 
7  1 "O4'" A DA 3 ? ? "C1'" A DA 3 ? ? N9    A DA 3 ? ? 113.10 108.30 4.80   0.30 N 
8  1 "O4'" A DT 4 ? ? "C1'" A DT 4 ? ? N1    A DT 4 ? ? 114.40 108.30 6.10   0.30 N 
9  1 N1    A DT 4 ? ? C2    A DT 4 ? ? N3    A DT 4 ? ? 118.31 114.60 3.71   0.60 N 
10 1 C4    A DT 4 ? ? C5    A DT 4 ? ? C6    A DT 4 ? ? 121.73 118.00 3.73   0.60 N 
11 1 N3    A DT 4 ? ? C2    A DT 4 ? ? O2    A DT 4 ? ? 118.53 122.30 -3.77  0.60 N 
12 1 C5    A DT 4 ? ? C4    A DT 4 ? ? O4    A DT 4 ? ? 129.49 124.90 4.59   0.70 N 
13 1 C6    A DT 4 ? ? C5    A DT 4 ? ? C7    A DT 4 ? ? 117.49 122.90 -5.41  0.60 N 
14 1 "O4'" A DC 5 ? ? "C1'" A DC 5 ? ? N1    A DC 5 ? ? 112.36 108.30 4.06   0.30 N 
15 1 "C4'" A DG 6 ? ? "C3'" A DG 6 ? ? "C2'" A DG 6 ? ? 97.15  102.20 -5.05  0.70 N 
16 1 "O4'" A DG 6 ? ? "C1'" A DG 6 ? ? N9    A DG 6 ? ? 110.64 108.30 2.34   0.30 N 
# 
_struct_site_keywords.site_id   1 
_struct_site_keywords.text      INTERCALATION 
# 
loop_
_pdbx_struct_special_symmetry.id 
_pdbx_struct_special_symmetry.PDB_model_num 
_pdbx_struct_special_symmetry.auth_asym_id 
_pdbx_struct_special_symmetry.auth_comp_id 
_pdbx_struct_special_symmetry.auth_seq_id 
_pdbx_struct_special_symmetry.PDB_ins_code 
_pdbx_struct_special_symmetry.label_asym_id 
_pdbx_struct_special_symmetry.label_comp_id 
_pdbx_struct_special_symmetry.label_seq_id 
1 1 A NA  8  ? C NA  . 
2 1 A HOH 36 ? D HOH . 
# 
loop_
_chem_comp_atom.comp_id 
_chem_comp_atom.atom_id 
_chem_comp_atom.type_symbol 
_chem_comp_atom.pdbx_aromatic_flag 
_chem_comp_atom.pdbx_stereo_config 
_chem_comp_atom.pdbx_ordinal 
DA  OP3    O  N N 1   
DA  P      P  N N 2   
DA  OP1    O  N N 3   
DA  OP2    O  N N 4   
DA  "O5'"  O  N N 5   
DA  "C5'"  C  N N 6   
DA  "C4'"  C  N R 7   
DA  "O4'"  O  N N 8   
DA  "C3'"  C  N S 9   
DA  "O3'"  O  N N 10  
DA  "C2'"  C  N N 11  
DA  "C1'"  C  N R 12  
DA  N9     N  Y N 13  
DA  C8     C  Y N 14  
DA  N7     N  Y N 15  
DA  C5     C  Y N 16  
DA  C6     C  Y N 17  
DA  N6     N  N N 18  
DA  N1     N  Y N 19  
DA  C2     C  Y N 20  
DA  N3     N  Y N 21  
DA  C4     C  Y N 22  
DA  HOP3   H  N N 23  
DA  HOP2   H  N N 24  
DA  "H5'"  H  N N 25  
DA  "H5''" H  N N 26  
DA  "H4'"  H  N N 27  
DA  "H3'"  H  N N 28  
DA  "HO3'" H  N N 29  
DA  "H2'"  H  N N 30  
DA  "H2''" H  N N 31  
DA  "H1'"  H  N N 32  
DA  H8     H  N N 33  
DA  H61    H  N N 34  
DA  H62    H  N N 35  
DA  H2     H  N N 36  
DC  OP3    O  N N 37  
DC  P      P  N N 38  
DC  OP1    O  N N 39  
DC  OP2    O  N N 40  
DC  "O5'"  O  N N 41  
DC  "C5'"  C  N N 42  
DC  "C4'"  C  N R 43  
DC  "O4'"  O  N N 44  
DC  "C3'"  C  N S 45  
DC  "O3'"  O  N N 46  
DC  "C2'"  C  N N 47  
DC  "C1'"  C  N R 48  
DC  N1     N  N N 49  
DC  C2     C  N N 50  
DC  O2     O  N N 51  
DC  N3     N  N N 52  
DC  C4     C  N N 53  
DC  N4     N  N N 54  
DC  C5     C  N N 55  
DC  C6     C  N N 56  
DC  HOP3   H  N N 57  
DC  HOP2   H  N N 58  
DC  "H5'"  H  N N 59  
DC  "H5''" H  N N 60  
DC  "H4'"  H  N N 61  
DC  "H3'"  H  N N 62  
DC  "HO3'" H  N N 63  
DC  "H2'"  H  N N 64  
DC  "H2''" H  N N 65  
DC  "H1'"  H  N N 66  
DC  H41    H  N N 67  
DC  H42    H  N N 68  
DC  H5     H  N N 69  
DC  H6     H  N N 70  
DG  OP3    O  N N 71  
DG  P      P  N N 72  
DG  OP1    O  N N 73  
DG  OP2    O  N N 74  
DG  "O5'"  O  N N 75  
DG  "C5'"  C  N N 76  
DG  "C4'"  C  N R 77  
DG  "O4'"  O  N N 78  
DG  "C3'"  C  N S 79  
DG  "O3'"  O  N N 80  
DG  "C2'"  C  N N 81  
DG  "C1'"  C  N R 82  
DG  N9     N  Y N 83  
DG  C8     C  Y N 84  
DG  N7     N  Y N 85  
DG  C5     C  Y N 86  
DG  C6     C  N N 87  
DG  O6     O  N N 88  
DG  N1     N  N N 89  
DG  C2     C  N N 90  
DG  N2     N  N N 91  
DG  N3     N  N N 92  
DG  C4     C  Y N 93  
DG  HOP3   H  N N 94  
DG  HOP2   H  N N 95  
DG  "H5'"  H  N N 96  
DG  "H5''" H  N N 97  
DG  "H4'"  H  N N 98  
DG  "H3'"  H  N N 99  
DG  "HO3'" H  N N 100 
DG  "H2'"  H  N N 101 
DG  "H2''" H  N N 102 
DG  "H1'"  H  N N 103 
DG  H8     H  N N 104 
DG  H1     H  N N 105 
DG  H21    H  N N 106 
DG  H22    H  N N 107 
DT  OP3    O  N N 108 
DT  P      P  N N 109 
DT  OP1    O  N N 110 
DT  OP2    O  N N 111 
DT  "O5'"  O  N N 112 
DT  "C5'"  C  N N 113 
DT  "C4'"  C  N R 114 
DT  "O4'"  O  N N 115 
DT  "C3'"  C  N S 116 
DT  "O3'"  O  N N 117 
DT  "C2'"  C  N N 118 
DT  "C1'"  C  N R 119 
DT  N1     N  N N 120 
DT  C2     C  N N 121 
DT  O2     O  N N 122 
DT  N3     N  N N 123 
DT  C4     C  N N 124 
DT  O4     O  N N 125 
DT  C5     C  N N 126 
DT  C7     C  N N 127 
DT  C6     C  N N 128 
DT  HOP3   H  N N 129 
DT  HOP2   H  N N 130 
DT  "H5'"  H  N N 131 
DT  "H5''" H  N N 132 
DT  "H4'"  H  N N 133 
DT  "H3'"  H  N N 134 
DT  "HO3'" H  N N 135 
DT  "H2'"  H  N N 136 
DT  "H2''" H  N N 137 
DT  "H1'"  H  N N 138 
DT  H3     H  N N 139 
DT  H71    H  N N 140 
DT  H72    H  N N 141 
DT  H73    H  N N 142 
DT  H6     H  N N 143 
HOH O      O  N N 144 
HOH H1     H  N N 145 
HOH H2     H  N N 146 
NA  NA     NA N N 147 
PCU CU     CU N N 148 
PCU NA     N  Y N 149 
PCU C1A    C  Y N 150 
PCU C2A    C  Y N 151 
PCU C3A    C  Y N 152 
PCU C4A    C  Y N 153 
PCU C5A    C  N N 154 
PCU C6A    C  N N 155 
PCU C7A    C  N N 156 
PCU C8A    C  N N 157 
PCU NPA    N  N N 158 
PCU CMA    C  N N 159 
PCU C9A    C  N N 160 
PCU C0A    C  N N 161 
PCU NB     N  Y N 162 
PCU C1B    C  Y N 163 
PCU C2B    C  Y N 164 
PCU C3B    C  Y N 165 
PCU C4B    C  Y N 166 
PCU C5B    C  N N 167 
PCU C6B    C  N N 168 
PCU C7B    C  N N 169 
PCU C8B    C  N N 170 
PCU NPB    N  N N 171 
PCU CMB    C  N N 172 
PCU C9B    C  N N 173 
PCU C0B    C  N N 174 
PCU NC     N  Y N 175 
PCU C1C    C  Y N 176 
PCU C2C    C  Y N 177 
PCU C3C    C  Y N 178 
PCU C4C    C  Y N 179 
PCU C5C    C  N N 180 
PCU C6C    C  N N 181 
PCU C7C    C  N N 182 
PCU C8C    C  N N 183 
PCU NPC    N  N N 184 
PCU CMC    C  N N 185 
PCU C9C    C  N N 186 
PCU C0C    C  N N 187 
PCU ND     N  Y N 188 
PCU C1D    C  Y N 189 
PCU C2D    C  Y N 190 
PCU C3D    C  Y N 191 
PCU C4D    C  Y N 192 
PCU C5D    C  N N 193 
PCU C6D    C  N N 194 
PCU C7D    C  N N 195 
PCU C8D    C  N N 196 
PCU NPD    N  N N 197 
PCU CMD    C  N N 198 
PCU C9D    C  N N 199 
PCU C0D    C  N N 200 
PCU H2A    H  N N 201 
PCU H3A    H  N N 202 
PCU H7A    H  N N 203 
PCU H8A    H  N N 204 
PCU HMA1   H  N N 205 
PCU HMA2   H  N N 206 
PCU HMA3   H  N N 207 
PCU H9A    H  N N 208 
PCU H0A    H  N N 209 
PCU H2B    H  N N 210 
PCU H3B    H  N N 211 
PCU H7B    H  N N 212 
PCU H8B    H  N N 213 
PCU HMB1   H  N N 214 
PCU HMB2   H  N N 215 
PCU HMB3   H  N N 216 
PCU H9B    H  N N 217 
PCU H0B    H  N N 218 
PCU H2C    H  N N 219 
PCU H3C    H  N N 220 
PCU H7C    H  N N 221 
PCU H8C    H  N N 222 
PCU HMC1   H  N N 223 
PCU HMC2   H  N N 224 
PCU HMC3   H  N N 225 
PCU H9C    H  N N 226 
PCU H0C    H  N N 227 
PCU H2D    H  N N 228 
PCU H3D    H  N N 229 
PCU H7D    H  N N 230 
PCU H8D    H  N N 231 
PCU HMD1   H  N N 232 
PCU HMD2   H  N N 233 
PCU HMD3   H  N N 234 
PCU H9D    H  N N 235 
PCU H0D    H  N N 236 
# 
loop_
_chem_comp_bond.comp_id 
_chem_comp_bond.atom_id_1 
_chem_comp_bond.atom_id_2 
_chem_comp_bond.value_order 
_chem_comp_bond.pdbx_aromatic_flag 
_chem_comp_bond.pdbx_stereo_config 
_chem_comp_bond.pdbx_ordinal 
DA  OP3   P      sing N N 1   
DA  OP3   HOP3   sing N N 2   
DA  P     OP1    doub N N 3   
DA  P     OP2    sing N N 4   
DA  P     "O5'"  sing N N 5   
DA  OP2   HOP2   sing N N 6   
DA  "O5'" "C5'"  sing N N 7   
DA  "C5'" "C4'"  sing N N 8   
DA  "C5'" "H5'"  sing N N 9   
DA  "C5'" "H5''" sing N N 10  
DA  "C4'" "O4'"  sing N N 11  
DA  "C4'" "C3'"  sing N N 12  
DA  "C4'" "H4'"  sing N N 13  
DA  "O4'" "C1'"  sing N N 14  
DA  "C3'" "O3'"  sing N N 15  
DA  "C3'" "C2'"  sing N N 16  
DA  "C3'" "H3'"  sing N N 17  
DA  "O3'" "HO3'" sing N N 18  
DA  "C2'" "C1'"  sing N N 19  
DA  "C2'" "H2'"  sing N N 20  
DA  "C2'" "H2''" sing N N 21  
DA  "C1'" N9     sing N N 22  
DA  "C1'" "H1'"  sing N N 23  
DA  N9    C8     sing Y N 24  
DA  N9    C4     sing Y N 25  
DA  C8    N7     doub Y N 26  
DA  C8    H8     sing N N 27  
DA  N7    C5     sing Y N 28  
DA  C5    C6     sing Y N 29  
DA  C5    C4     doub Y N 30  
DA  C6    N6     sing N N 31  
DA  C6    N1     doub Y N 32  
DA  N6    H61    sing N N 33  
DA  N6    H62    sing N N 34  
DA  N1    C2     sing Y N 35  
DA  C2    N3     doub Y N 36  
DA  C2    H2     sing N N 37  
DA  N3    C4     sing Y N 38  
DC  OP3   P      sing N N 39  
DC  OP3   HOP3   sing N N 40  
DC  P     OP1    doub N N 41  
DC  P     OP2    sing N N 42  
DC  P     "O5'"  sing N N 43  
DC  OP2   HOP2   sing N N 44  
DC  "O5'" "C5'"  sing N N 45  
DC  "C5'" "C4'"  sing N N 46  
DC  "C5'" "H5'"  sing N N 47  
DC  "C5'" "H5''" sing N N 48  
DC  "C4'" "O4'"  sing N N 49  
DC  "C4'" "C3'"  sing N N 50  
DC  "C4'" "H4'"  sing N N 51  
DC  "O4'" "C1'"  sing N N 52  
DC  "C3'" "O3'"  sing N N 53  
DC  "C3'" "C2'"  sing N N 54  
DC  "C3'" "H3'"  sing N N 55  
DC  "O3'" "HO3'" sing N N 56  
DC  "C2'" "C1'"  sing N N 57  
DC  "C2'" "H2'"  sing N N 58  
DC  "C2'" "H2''" sing N N 59  
DC  "C1'" N1     sing N N 60  
DC  "C1'" "H1'"  sing N N 61  
DC  N1    C2     sing N N 62  
DC  N1    C6     sing N N 63  
DC  C2    O2     doub N N 64  
DC  C2    N3     sing N N 65  
DC  N3    C4     doub N N 66  
DC  C4    N4     sing N N 67  
DC  C4    C5     sing N N 68  
DC  N4    H41    sing N N 69  
DC  N4    H42    sing N N 70  
DC  C5    C6     doub N N 71  
DC  C5    H5     sing N N 72  
DC  C6    H6     sing N N 73  
DG  OP3   P      sing N N 74  
DG  OP3   HOP3   sing N N 75  
DG  P     OP1    doub N N 76  
DG  P     OP2    sing N N 77  
DG  P     "O5'"  sing N N 78  
DG  OP2   HOP2   sing N N 79  
DG  "O5'" "C5'"  sing N N 80  
DG  "C5'" "C4'"  sing N N 81  
DG  "C5'" "H5'"  sing N N 82  
DG  "C5'" "H5''" sing N N 83  
DG  "C4'" "O4'"  sing N N 84  
DG  "C4'" "C3'"  sing N N 85  
DG  "C4'" "H4'"  sing N N 86  
DG  "O4'" "C1'"  sing N N 87  
DG  "C3'" "O3'"  sing N N 88  
DG  "C3'" "C2'"  sing N N 89  
DG  "C3'" "H3'"  sing N N 90  
DG  "O3'" "HO3'" sing N N 91  
DG  "C2'" "C1'"  sing N N 92  
DG  "C2'" "H2'"  sing N N 93  
DG  "C2'" "H2''" sing N N 94  
DG  "C1'" N9     sing N N 95  
DG  "C1'" "H1'"  sing N N 96  
DG  N9    C8     sing Y N 97  
DG  N9    C4     sing Y N 98  
DG  C8    N7     doub Y N 99  
DG  C8    H8     sing N N 100 
DG  N7    C5     sing Y N 101 
DG  C5    C6     sing N N 102 
DG  C5    C4     doub Y N 103 
DG  C6    O6     doub N N 104 
DG  C6    N1     sing N N 105 
DG  N1    C2     sing N N 106 
DG  N1    H1     sing N N 107 
DG  C2    N2     sing N N 108 
DG  C2    N3     doub N N 109 
DG  N2    H21    sing N N 110 
DG  N2    H22    sing N N 111 
DG  N3    C4     sing N N 112 
DT  OP3   P      sing N N 113 
DT  OP3   HOP3   sing N N 114 
DT  P     OP1    doub N N 115 
DT  P     OP2    sing N N 116 
DT  P     "O5'"  sing N N 117 
DT  OP2   HOP2   sing N N 118 
DT  "O5'" "C5'"  sing N N 119 
DT  "C5'" "C4'"  sing N N 120 
DT  "C5'" "H5'"  sing N N 121 
DT  "C5'" "H5''" sing N N 122 
DT  "C4'" "O4'"  sing N N 123 
DT  "C4'" "C3'"  sing N N 124 
DT  "C4'" "H4'"  sing N N 125 
DT  "O4'" "C1'"  sing N N 126 
DT  "C3'" "O3'"  sing N N 127 
DT  "C3'" "C2'"  sing N N 128 
DT  "C3'" "H3'"  sing N N 129 
DT  "O3'" "HO3'" sing N N 130 
DT  "C2'" "C1'"  sing N N 131 
DT  "C2'" "H2'"  sing N N 132 
DT  "C2'" "H2''" sing N N 133 
DT  "C1'" N1     sing N N 134 
DT  "C1'" "H1'"  sing N N 135 
DT  N1    C2     sing N N 136 
DT  N1    C6     sing N N 137 
DT  C2    O2     doub N N 138 
DT  C2    N3     sing N N 139 
DT  N3    C4     sing N N 140 
DT  N3    H3     sing N N 141 
DT  C4    O4     doub N N 142 
DT  C4    C5     sing N N 143 
DT  C5    C7     sing N N 144 
DT  C5    C6     doub N N 145 
DT  C7    H71    sing N N 146 
DT  C7    H72    sing N N 147 
DT  C7    H73    sing N N 148 
DT  C6    H6     sing N N 149 
HOH O     H1     sing N N 150 
HOH O     H2     sing N N 151 
PCU CU    NA     sing N N 152 
PCU CU    NB     sing N N 153 
PCU CU    NC     sing N N 154 
PCU CU    ND     sing N N 155 
PCU NA    C1A    sing Y N 156 
PCU NA    C4A    sing Y N 157 
PCU C1A   C2A    doub Y N 158 
PCU C1A   C5D    sing N N 159 
PCU C2A   C3A    sing Y N 160 
PCU C2A   H2A    sing N N 161 
PCU C3A   C4A    doub Y N 162 
PCU C3A   H3A    sing N N 163 
PCU C4A   C5A    sing N N 164 
PCU C5A   C6A    doub N N 165 
PCU C5A   C1B    sing N N 166 
PCU C6A   C7A    sing N N 167 
PCU C6A   C0A    sing N N 168 
PCU C7A   C8A    doub N N 169 
PCU C7A   H7A    sing N N 170 
PCU C8A   NPA    sing N N 171 
PCU C8A   H8A    sing N N 172 
PCU NPA   CMA    sing N N 173 
PCU NPA   C9A    sing N N 174 
PCU CMA   HMA1   sing N N 175 
PCU CMA   HMA2   sing N N 176 
PCU CMA   HMA3   sing N N 177 
PCU C9A   C0A    doub N N 178 
PCU C9A   H9A    sing N N 179 
PCU C0A   H0A    sing N N 180 
PCU NB    C1B    sing Y N 181 
PCU NB    C4B    sing Y N 182 
PCU C1B   C2B    doub Y N 183 
PCU C2B   C3B    sing Y N 184 
PCU C2B   H2B    sing N N 185 
PCU C3B   C4B    doub Y N 186 
PCU C3B   H3B    sing N N 187 
PCU C4B   C5B    sing N N 188 
PCU C5B   C6B    doub N N 189 
PCU C5B   C1C    sing N N 190 
PCU C6B   C7B    sing N N 191 
PCU C6B   C0B    sing N N 192 
PCU C7B   C8B    doub N N 193 
PCU C7B   H7B    sing N N 194 
PCU C8B   NPB    sing N N 195 
PCU C8B   H8B    sing N N 196 
PCU NPB   CMB    sing N N 197 
PCU NPB   C9B    sing N N 198 
PCU CMB   HMB1   sing N N 199 
PCU CMB   HMB2   sing N N 200 
PCU CMB   HMB3   sing N N 201 
PCU C9B   C0B    doub N N 202 
PCU C9B   H9B    sing N N 203 
PCU C0B   H0B    sing N N 204 
PCU NC    C1C    sing Y N 205 
PCU NC    C4C    sing Y N 206 
PCU C1C   C2C    doub Y N 207 
PCU C2C   C3C    sing Y N 208 
PCU C2C   H2C    sing N N 209 
PCU C3C   C4C    doub Y N 210 
PCU C3C   H3C    sing N N 211 
PCU C4C   C5C    sing N N 212 
PCU C5C   C6C    doub N N 213 
PCU C5C   C1D    sing N N 214 
PCU C6C   C7C    sing N N 215 
PCU C6C   C0C    sing N N 216 
PCU C7C   C8C    doub N N 217 
PCU C7C   H7C    sing N N 218 
PCU C8C   NPC    sing N N 219 
PCU C8C   H8C    sing N N 220 
PCU NPC   CMC    sing N N 221 
PCU NPC   C9C    sing N N 222 
PCU CMC   HMC1   sing N N 223 
PCU CMC   HMC2   sing N N 224 
PCU CMC   HMC3   sing N N 225 
PCU C9C   C0C    doub N N 226 
PCU C9C   H9C    sing N N 227 
PCU C0C   H0C    sing N N 228 
PCU ND    C1D    sing Y N 229 
PCU ND    C4D    sing Y N 230 
PCU C1D   C2D    doub Y N 231 
PCU C2D   C3D    sing Y N 232 
PCU C2D   H2D    sing N N 233 
PCU C3D   C4D    doub Y N 234 
PCU C3D   H3D    sing N N 235 
PCU C4D   C5D    sing N N 236 
PCU C5D   C6D    doub N N 237 
PCU C6D   C7D    sing N N 238 
PCU C6D   C0D    sing N N 239 
PCU C7D   C8D    doub N N 240 
PCU C7D   H7D    sing N N 241 
PCU C8D   NPD    sing N N 242 
PCU C8D   H8D    sing N N 243 
PCU NPD   CMD    sing N N 244 
PCU NPD   C9D    sing N N 245 
PCU CMD   HMD1   sing N N 246 
PCU CMD   HMD2   sing N N 247 
PCU CMD   HMD3   sing N N 248 
PCU C9D   C0D    doub N N 249 
PCU C9D   H9D    sing N N 250 
PCU C0D   H0D    sing N N 251 
# 
_ndb_struct_conf_na.entry_id   231D 
_ndb_struct_conf_na.feature    'b-form double helix' 
# 
loop_
_ndb_struct_na_base_pair.model_number 
_ndb_struct_na_base_pair.i_label_asym_id 
_ndb_struct_na_base_pair.i_label_comp_id 
_ndb_struct_na_base_pair.i_label_seq_id 
_ndb_struct_na_base_pair.i_symmetry 
_ndb_struct_na_base_pair.j_label_asym_id 
_ndb_struct_na_base_pair.j_label_comp_id 
_ndb_struct_na_base_pair.j_label_seq_id 
_ndb_struct_na_base_pair.j_symmetry 
_ndb_struct_na_base_pair.shear 
_ndb_struct_na_base_pair.stretch 
_ndb_struct_na_base_pair.stagger 
_ndb_struct_na_base_pair.buckle 
_ndb_struct_na_base_pair.propeller 
_ndb_struct_na_base_pair.opening 
_ndb_struct_na_base_pair.pair_number 
_ndb_struct_na_base_pair.pair_name 
_ndb_struct_na_base_pair.i_auth_asym_id 
_ndb_struct_na_base_pair.i_auth_seq_id 
_ndb_struct_na_base_pair.i_PDB_ins_code 
_ndb_struct_na_base_pair.j_auth_asym_id 
_ndb_struct_na_base_pair.j_auth_seq_id 
_ndb_struct_na_base_pair.j_PDB_ins_code 
_ndb_struct_na_base_pair.hbond_type_28 
_ndb_struct_na_base_pair.hbond_type_12 
1 A DG 2 1_555 A DC 5 12_546 -0.105 -0.087 -0.142 -0.587 -12.310 2.973 1 A_DG2:DC5_A A 2 ? A 5 ? 19 1 
1 A DA 3 1_555 A DT 4 12_546 0.088  -0.249 -0.346 8.684  -34.187 4.971 2 A_DA3:DT4_A A 3 ? A 4 ? 20 1 
1 A DT 4 1_555 A DA 3 12_546 -0.088 -0.249 -0.346 -8.684 -34.187 4.971 3 A_DT4:DA3_A A 4 ? A 3 ? 20 1 
1 A DC 5 1_555 A DG 2 12_546 0.105  -0.087 -0.142 0.587  -12.310 2.973 4 A_DC5:DG2_A A 5 ? A 2 ? 19 1 
# 
loop_
_ndb_struct_na_base_pair_step.model_number 
_ndb_struct_na_base_pair_step.i_label_asym_id_1 
_ndb_struct_na_base_pair_step.i_label_comp_id_1 
_ndb_struct_na_base_pair_step.i_label_seq_id_1 
_ndb_struct_na_base_pair_step.i_symmetry_1 
_ndb_struct_na_base_pair_step.j_label_asym_id_1 
_ndb_struct_na_base_pair_step.j_label_comp_id_1 
_ndb_struct_na_base_pair_step.j_label_seq_id_1 
_ndb_struct_na_base_pair_step.j_symmetry_1 
_ndb_struct_na_base_pair_step.i_label_asym_id_2 
_ndb_struct_na_base_pair_step.i_label_comp_id_2 
_ndb_struct_na_base_pair_step.i_label_seq_id_2 
_ndb_struct_na_base_pair_step.i_symmetry_2 
_ndb_struct_na_base_pair_step.j_label_asym_id_2 
_ndb_struct_na_base_pair_step.j_label_comp_id_2 
_ndb_struct_na_base_pair_step.j_label_seq_id_2 
_ndb_struct_na_base_pair_step.j_symmetry_2 
_ndb_struct_na_base_pair_step.shift 
_ndb_struct_na_base_pair_step.slide 
_ndb_struct_na_base_pair_step.rise 
_ndb_struct_na_base_pair_step.tilt 
_ndb_struct_na_base_pair_step.roll 
_ndb_struct_na_base_pair_step.twist 
_ndb_struct_na_base_pair_step.x_displacement 
_ndb_struct_na_base_pair_step.y_displacement 
_ndb_struct_na_base_pair_step.helical_rise 
_ndb_struct_na_base_pair_step.inclination 
_ndb_struct_na_base_pair_step.tip 
_ndb_struct_na_base_pair_step.helical_twist 
_ndb_struct_na_base_pair_step.step_number 
_ndb_struct_na_base_pair_step.step_name 
_ndb_struct_na_base_pair_step.i_auth_asym_id_1 
_ndb_struct_na_base_pair_step.i_auth_seq_id_1 
_ndb_struct_na_base_pair_step.i_PDB_ins_code_1 
_ndb_struct_na_base_pair_step.j_auth_asym_id_1 
_ndb_struct_na_base_pair_step.j_auth_seq_id_1 
_ndb_struct_na_base_pair_step.j_PDB_ins_code_1 
_ndb_struct_na_base_pair_step.i_auth_asym_id_2 
_ndb_struct_na_base_pair_step.i_auth_seq_id_2 
_ndb_struct_na_base_pair_step.i_PDB_ins_code_2 
_ndb_struct_na_base_pair_step.j_auth_asym_id_2 
_ndb_struct_na_base_pair_step.j_auth_seq_id_2 
_ndb_struct_na_base_pair_step.j_PDB_ins_code_2 
1 A DG 2 1_555 A DC 5 12_546 A DA 3 1_555 A DT 4 12_546 -0.676 0.251 3.117 -0.019 7.146 36.129 -0.536 1.068  3.109 11.386 0.031  
36.805 1 AA_DG2DA3:DT4DC5_AA A 2 ? A 5 ? A 3 ? A 4 ? 
1 A DA 3 1_555 A DT 4 12_546 A DT 4 1_555 A DA 3 12_546 0.000  0.139 3.659 0.000  1.521 32.058 -0.053 0.000  3.661 2.752  0.000  
32.093 2 AA_DA3DT4:DA3DT4_AA A 3 ? A 4 ? A 4 ? A 3 ? 
1 A DT 4 1_555 A DA 3 12_546 A DC 5 1_555 A DG 2 12_546 0.676  0.251 3.117 0.019  7.146 36.129 -0.536 -1.068 3.109 11.386 -0.031 
36.805 3 AA_DT4DC5:DG2DA3_AA A 4 ? A 3 ? A 5 ? A 2 ? 
# 
_atom_sites.entry_id                    231D 
_atom_sites.fract_transf_matrix[1][1]   -0.00767379 
_atom_sites.fract_transf_matrix[1][2]   -0.02532141 
_atom_sites.fract_transf_matrix[1][3]   0.01244739 
_atom_sites.fract_transf_matrix[2][1]   -0.02701559 
_atom_sites.fract_transf_matrix[2][2]   -0.00346711 
_atom_sites.fract_transf_matrix[2][3]   0.01063553 
_atom_sites.fract_transf_matrix[3][1]   -0.00543931 
_atom_sites.fract_transf_matrix[3][2]   -0.00612500 
_atom_sites.fract_transf_matrix[3][3]   -0.01581325 
_atom_sites.fract_transf_vector[1]      0.023410 
_atom_sites.fract_transf_vector[2]      -0.399430 
_atom_sites.fract_transf_vector[3]      0.644113 
# 
loop_
_atom_type.symbol 
C  
CU 
N  
NA 
O  
P  
# 
loop_
_atom_site.group_PDB 
_atom_site.id 
_atom_site.type_symbol 
_atom_site.label_atom_id 
_atom_site.label_alt_id 
_atom_site.label_comp_id 
_atom_site.label_asym_id 
_atom_site.label_entity_id 
_atom_site.label_seq_id 
_atom_site.pdbx_PDB_ins_code 
_atom_site.Cartn_x 
_atom_site.Cartn_y 
_atom_site.Cartn_z 
_atom_site.occupancy 
_atom_site.B_iso_or_equiv 
_atom_site.pdbx_formal_charge 
_atom_site.auth_seq_id 
_atom_site.auth_comp_id 
_atom_site.auth_asym_id 
_atom_site.auth_atom_id 
_atom_site.pdbx_PDB_model_num 
ATOM   1   O  "O5'" . DC  A 1 1 ? -7.178  -4.375  12.996  1.00 25.54 ? 1  DC  A "O5'" 1 
ATOM   2   C  "C5'" . DC  A 1 1 ? -5.942  -4.707  12.295  1.00 29.11 ? 1  DC  A "C5'" 1 
ATOM   3   C  "C4'" . DC  A 1 1 ? -4.734  -4.147  13.053  1.00 30.19 ? 1  DC  A "C4'" 1 
ATOM   4   O  "O4'" . DC  A 1 1 ? -4.652  -4.706  14.368  1.00 34.55 ? 1  DC  A "O4'" 1 
ATOM   5   C  "C3'" . DC  A 1 1 ? -3.311  -4.238  12.485  1.00 25.08 ? 1  DC  A "C3'" 1 
ATOM   6   O  "O3'" . DC  A 1 1 ? -2.631  -3.155  13.114  1.00 25.16 ? 1  DC  A "O3'" 1 
ATOM   7   C  "C2'" . DC  A 1 1 ? -2.830  -5.499  13.154  1.00 24.46 ? 1  DC  A "C2'" 1 
ATOM   8   C  "C1'" . DC  A 1 1 ? -3.419  -5.406  14.547  1.00 24.72 ? 1  DC  A "C1'" 1 
ATOM   9   N  N1    . DC  A 1 1 ? -3.653  -6.705  15.225  1.00 26.19 ? 1  DC  A N1    1 
ATOM   10  C  C2    . DC  A 1 1 ? -4.933  -7.178  15.561  1.00 23.16 ? 1  DC  A C2    1 
ATOM   11  O  O2    . DC  A 1 1 ? -5.956  -6.577  15.285  1.00 21.52 ? 1  DC  A O2    1 
ATOM   12  N  N3    . DC  A 1 1 ? -5.073  -8.364  16.190  1.00 25.76 ? 1  DC  A N3    1 
ATOM   13  C  C4    . DC  A 1 1 ? -3.994  -9.078  16.477  1.00 29.13 ? 1  DC  A C4    1 
ATOM   14  N  N4    . DC  A 1 1 ? -4.146  -10.222 17.117  1.00 32.14 ? 1  DC  A N4    1 
ATOM   15  C  C5    . DC  A 1 1 ? -2.685  -8.646  16.126  1.00 28.67 ? 1  DC  A C5    1 
ATOM   16  C  C6    . DC  A 1 1 ? -2.567  -7.438  15.533  1.00 27.45 ? 1  DC  A C6    1 
ATOM   17  P  P     . DG  A 1 2 ? -2.777  -1.607  12.657  1.00 30.82 ? 2  DG  A P     1 
ATOM   18  O  OP1   . DG  A 1 2 ? -2.175  -0.693  13.658  1.00 31.29 ? 2  DG  A OP1   1 
ATOM   19  O  OP2   . DG  A 1 2 ? -4.123  -1.310  12.141  1.00 28.13 ? 2  DG  A OP2   1 
ATOM   20  O  "O5'" . DG  A 1 2 ? -1.791  -1.844  11.431  1.00 33.48 ? 2  DG  A "O5'" 1 
ATOM   21  C  "C5'" . DG  A 1 2 ? -0.580  -1.127  11.293  1.00 29.30 ? 2  DG  A "C5'" 1 
ATOM   22  C  "C4'" . DG  A 1 2 ? -0.868  0.312   10.877  1.00 26.16 ? 2  DG  A "C4'" 1 
ATOM   23  O  "O4'" . DG  A 1 2 ? 0.415   0.834   10.515  1.00 26.34 ? 2  DG  A "O4'" 1 
ATOM   24  C  "C3'" . DG  A 1 2 ? -1.775  0.450   9.632   1.00 24.40 ? 2  DG  A "C3'" 1 
ATOM   25  O  "O3'" . DG  A 1 2 ? -2.231  1.806   9.464   1.00 26.45 ? 2  DG  A "O3'" 1 
ATOM   26  C  "C2'" . DG  A 1 2 ? -0.750  0.104   8.582   1.00 25.75 ? 2  DG  A "C2'" 1 
ATOM   27  C  "C1'" . DG  A 1 2 ? 0.533   0.738   9.083   1.00 18.13 ? 2  DG  A "C1'" 1 
ATOM   28  N  N9    . DG  A 1 2 ? 1.745   -0.004  8.734   1.00 8.52  ? 2  DG  A N9    1 
ATOM   29  C  C8    . DG  A 1 2 ? 2.050   -1.318  8.861   1.00 6.63  ? 2  DG  A C8    1 
ATOM   30  N  N7    . DG  A 1 2 ? 3.243   -1.627  8.457   1.00 5.51  ? 2  DG  A N7    1 
ATOM   31  C  C5    . DG  A 1 2 ? 3.755   -0.407  8.067   1.00 3.38  ? 2  DG  A C5    1 
ATOM   32  C  C6    . DG  A 1 2 ? 5.021   -0.076  7.553   1.00 13.07 ? 2  DG  A C6    1 
ATOM   33  O  O6    . DG  A 1 2 ? 5.979   -0.811  7.311   1.00 17.66 ? 2  DG  A O6    1 
ATOM   34  N  N1    . DG  A 1 2 ? 5.123   1.276   7.321   1.00 15.76 ? 2  DG  A N1    1 
ATOM   35  C  C2    . DG  A 1 2 ? 4.134   2.172   7.555   1.00 12.95 ? 2  DG  A C2    1 
ATOM   36  N  N2    . DG  A 1 2 ? 4.394   3.415   7.269   1.00 16.84 ? 2  DG  A N2    1 
ATOM   37  N  N3    . DG  A 1 2 ? 2.928   1.874   7.966   1.00 9.30  ? 2  DG  A N3    1 
ATOM   38  C  C4    . DG  A 1 2 ? 2.834   0.569   8.233   1.00 3.00  ? 2  DG  A C4    1 
ATOM   39  P  P     . DA  A 1 3 ? -3.303  2.357   8.378   1.00 34.38 ? 3  DA  A P     1 
ATOM   40  O  OP1   . DA  A 1 3 ? -4.056  3.435   9.070   1.00 36.11 ? 3  DA  A OP1   1 
ATOM   41  O  OP2   . DA  A 1 3 ? -4.020  1.233   7.729   1.00 34.32 ? 3  DA  A OP2   1 
ATOM   42  O  "O5'" . DA  A 1 3 ? -2.413  3.052   7.230   1.00 33.85 ? 3  DA  A "O5'" 1 
ATOM   43  C  "C5'" . DA  A 1 3 ? -1.957  4.411   7.389   1.00 35.53 ? 3  DA  A "C5'" 1 
ATOM   44  C  "C4'" . DA  A 1 3 ? -1.245  5.017   6.159   1.00 35.32 ? 3  DA  A "C4'" 1 
ATOM   45  O  "O4'" . DA  A 1 3 ? 0.024   4.349   5.922   1.00 33.36 ? 3  DA  A "O4'" 1 
ATOM   46  C  "C3'" . DA  A 1 3 ? -2.122  4.865   4.902   1.00 35.05 ? 3  DA  A "C3'" 1 
ATOM   47  O  "O3'" . DA  A 1 3 ? -1.900  5.951   3.975   1.00 41.50 ? 3  DA  A "O3'" 1 
ATOM   48  C  "C2'" . DA  A 1 3 ? -1.542  3.538   4.408   1.00 33.82 ? 3  DA  A "C2'" 1 
ATOM   49  C  "C1'" . DA  A 1 3 ? -0.059  3.643   4.684   1.00 26.82 ? 3  DA  A "C1'" 1 
ATOM   50  N  N9    . DA  A 1 3 ? 0.615   2.330   4.720   1.00 20.22 ? 3  DA  A N9    1 
ATOM   51  C  C8    . DA  A 1 3 ? 0.087   1.077   4.940   1.00 21.90 ? 3  DA  A C8    1 
ATOM   52  N  N7    . DA  A 1 3 ? 0.973   0.113   4.861   1.00 23.35 ? 3  DA  A N7    1 
ATOM   53  C  C5    . DA  A 1 3 ? 2.191   0.789   4.617   1.00 26.03 ? 3  DA  A C5    1 
ATOM   54  C  C6    . DA  A 1 3 ? 3.538   0.355   4.430   1.00 26.50 ? 3  DA  A C6    1 
ATOM   55  N  N6    . DA  A 1 3 ? 3.957   -0.899  4.483   1.00 27.15 ? 3  DA  A N6    1 
ATOM   56  N  N1    . DA  A 1 3 ? 4.484   1.275   4.197   1.00 23.05 ? 3  DA  A N1    1 
ATOM   57  C  C2    . DA  A 1 3 ? 4.093   2.538   4.222   1.00 27.28 ? 3  DA  A C2    1 
ATOM   58  N  N3    . DA  A 1 3 ? 2.896   3.091   4.325   1.00 22.82 ? 3  DA  A N3    1 
ATOM   59  C  C4    . DA  A 1 3 ? 1.965   2.140   4.551   1.00 21.24 ? 3  DA  A C4    1 
ATOM   60  P  P     . DT  A 1 4 ? -2.499  6.018   2.449   1.00 46.73 ? 4  DT  A P     1 
ATOM   61  O  OP1   . DT  A 1 4 ? -3.938  6.361   2.507   1.00 40.68 ? 4  DT  A OP1   1 
ATOM   62  O  OP2   . DT  A 1 4 ? -2.082  4.818   1.675   1.00 40.06 ? 4  DT  A OP2   1 
ATOM   63  O  "O5'" . DT  A 1 4 ? -1.738  7.319   1.885   1.00 41.58 ? 4  DT  A "O5'" 1 
ATOM   64  C  "C5'" . DT  A 1 4 ? -0.317  7.548   1.941   1.00 41.89 ? 4  DT  A "C5'" 1 
ATOM   65  C  "C4'" . DT  A 1 4 ? 0.558   6.595   1.097   1.00 39.31 ? 4  DT  A "C4'" 1 
ATOM   66  O  "O4'" . DT  A 1 4 ? 0.914   5.338   1.716   1.00 36.47 ? 4  DT  A "O4'" 1 
ATOM   67  C  "C3'" . DT  A 1 4 ? -0.089  6.319   -0.275  1.00 39.20 ? 4  DT  A "C3'" 1 
ATOM   68  O  "O3'" . DT  A 1 4 ? 0.321   7.288   -1.270  1.00 39.59 ? 4  DT  A "O3'" 1 
ATOM   69  C  "C2'" . DT  A 1 4 ? 0.354   4.899   -0.531  1.00 37.95 ? 4  DT  A "C2'" 1 
ATOM   70  C  "C1'" . DT  A 1 4 ? 1.235   4.493   0.634   1.00 34.49 ? 4  DT  A "C1'" 1 
ATOM   71  N  N1    . DT  A 1 4 ? 1.133   3.048   0.935   1.00 31.38 ? 4  DT  A N1    1 
ATOM   72  C  C2    . DT  A 1 4 ? 2.290   2.308   0.853   1.00 29.65 ? 4  DT  A C2    1 
ATOM   73  O  O2    . DT  A 1 4 ? 3.399   2.810   0.662   1.00 28.27 ? 4  DT  A O2    1 
ATOM   74  N  N3    . DT  A 1 4 ? 2.204   0.960   0.987   1.00 24.37 ? 4  DT  A N3    1 
ATOM   75  C  C4    . DT  A 1 4 ? 1.068   0.253   1.245   1.00 24.12 ? 4  DT  A C4    1 
ATOM   76  O  O4    . DT  A 1 4 ? 1.174   -0.955  1.355   1.00 15.70 ? 4  DT  A O4    1 
ATOM   77  C  C5    . DT  A 1 4 ? -0.129  1.097   1.336   1.00 25.45 ? 4  DT  A C5    1 
ATOM   78  C  C7    . DT  A 1 4 ? -1.486  0.490   1.656   1.00 29.86 ? 4  DT  A C7    1 
ATOM   79  C  C6    . DT  A 1 4 ? -0.070  2.425   1.170   1.00 27.99 ? 4  DT  A C6    1 
ATOM   80  P  P     . DC  A 1 5 ? -0.057  7.253   -2.849  1.00 46.67 ? 5  DC  A P     1 
ATOM   81  O  OP1   . DC  A 1 5 ? 0.229   8.586   -3.445  1.00 49.19 ? 5  DC  A OP1   1 
ATOM   82  O  OP2   . DC  A 1 5 ? -1.395  6.623   -3.026  1.00 41.85 ? 5  DC  A OP2   1 
ATOM   83  O  "O5'" . DC  A 1 5 ? 1.059   6.218   -3.354  1.00 36.40 ? 5  DC  A "O5'" 1 
ATOM   84  C  "C5'" . DC  A 1 5 ? 2.453   6.473   -3.430  1.00 20.87 ? 5  DC  A "C5'" 1 
ATOM   85  C  "C4'" . DC  A 1 5 ? 3.128   5.296   -4.113  1.00 19.31 ? 5  DC  A "C4'" 1 
ATOM   86  O  "O4'" . DC  A 1 5 ? 3.080   4.066   -3.348  1.00 18.09 ? 5  DC  A "O4'" 1 
ATOM   87  C  "C3'" . DC  A 1 5 ? 2.456   5.067   -5.452  1.00 18.31 ? 5  DC  A "C3'" 1 
ATOM   88  O  "O3'" . DC  A 1 5 ? 3.423   4.801   -6.464  1.00 26.07 ? 5  DC  A "O3'" 1 
ATOM   89  C  "C2'" . DC  A 1 5 ? 1.667   3.823   -5.202  1.00 17.55 ? 5  DC  A "C2'" 1 
ATOM   90  C  "C1'" . DC  A 1 5 ? 2.504   3.075   -4.207  1.00 17.84 ? 5  DC  A "C1'" 1 
ATOM   91  N  N1    . DC  A 1 5 ? 1.740   2.064   -3.461  1.00 15.47 ? 5  DC  A N1    1 
ATOM   92  C  C2    . DC  A 1 5 ? 2.372   0.929   -3.052  1.00 22.65 ? 5  DC  A C2    1 
ATOM   93  O  O2    . DC  A 1 5 ? 3.585   0.805   -3.202  1.00 31.59 ? 5  DC  A O2    1 
ATOM   94  N  N3    . DC  A 1 5 ? 1.686   -0.051  -2.441  1.00 24.81 ? 5  DC  A N3    1 
ATOM   95  C  C4    . DC  A 1 5 ? 0.404   0.087   -2.155  1.00 20.60 ? 5  DC  A C4    1 
ATOM   96  N  N4    . DC  A 1 5 ? -0.216  -0.890  -1.534  1.00 23.45 ? 5  DC  A N4    1 
ATOM   97  C  C5    . DC  A 1 5 ? -0.268  1.289   -2.502  1.00 23.64 ? 5  DC  A C5    1 
ATOM   98  C  C6    . DC  A 1 5 ? 0.409   2.201   -3.189  1.00 24.54 ? 5  DC  A C6    1 
ATOM   99  P  P     . DG  A 1 6 ? 3.277   5.497   -7.894  1.00 19.78 ? 6  DG  A P     1 
ATOM   100 O  OP1   . DG  A 1 6 ? 4.608   6.030   -8.277  1.00 30.35 ? 6  DG  A OP1   1 
ATOM   101 O  OP2   . DG  A 1 6 ? 2.093   6.394   -7.818  1.00 23.49 ? 6  DG  A OP2   1 
ATOM   102 O  "O5'" . DG  A 1 6 ? 3.010   4.342   -8.954  1.00 21.04 ? 6  DG  A "O5'" 1 
ATOM   103 C  "C5'" . DG  A 1 6 ? 1.835   4.443   -9.761  1.00 24.56 ? 6  DG  A "C5'" 1 
ATOM   104 C  "C4'" . DG  A 1 6 ? 1.940   3.621   -11.012 1.00 23.23 ? 6  DG  A "C4'" 1 
ATOM   105 O  "O4'" . DG  A 1 6 ? 2.135   2.241   -10.659 1.00 22.53 ? 6  DG  A "O4'" 1 
ATOM   106 C  "C3'" . DG  A 1 6 ? 0.640   3.668   -11.783 1.00 22.27 ? 6  DG  A "C3'" 1 
ATOM   107 O  "O3'" . DG  A 1 6 ? 0.493   4.812   -12.617 1.00 28.07 ? 6  DG  A "O3'" 1 
ATOM   108 C  "C2'" . DG  A 1 6 ? 0.851   2.422   -12.582 1.00 21.94 ? 6  DG  A "C2'" 1 
ATOM   109 C  "C1'" . DG  A 1 6 ? 1.427   1.406   -11.585 1.00 16.64 ? 6  DG  A "C1'" 1 
ATOM   110 N  N9    . DG  A 1 6 ? 0.375   0.638   -10.893 1.00 10.16 ? 6  DG  A N9    1 
ATOM   111 C  C8    . DG  A 1 6 ? -0.850  1.085   -10.501 1.00 6.26  ? 6  DG  A C8    1 
ATOM   112 N  N7    . DG  A 1 6 ? -1.556  0.211   -9.875  1.00 11.93 ? 6  DG  A N7    1 
ATOM   113 C  C5    . DG  A 1 6 ? -0.718  -0.891  -9.778  1.00 12.75 ? 6  DG  A C5    1 
ATOM   114 C  C6    . DG  A 1 6 ? -0.941  -2.168  -9.198  1.00 14.05 ? 6  DG  A C6    1 
ATOM   115 O  O6    . DG  A 1 6 ? -1.940  -2.597  -8.641  1.00 26.26 ? 6  DG  A O6    1 
ATOM   116 N  N1    . DG  A 1 6 ? 0.124   -2.997  -9.302  1.00 13.82 ? 6  DG  A N1    1 
ATOM   117 C  C2    . DG  A 1 6 ? 1.270   -2.653  -9.917  1.00 12.08 ? 6  DG  A C2    1 
ATOM   118 N  N2    . DG  A 1 6 ? 2.154   -3.605  -9.976  1.00 9.68  ? 6  DG  A N2    1 
ATOM   119 N  N3    . DG  A 1 6 ? 1.519   -1.471  -10.482 1.00 12.95 ? 6  DG  A N3    1 
ATOM   120 C  C4    . DG  A 1 6 ? 0.475   -0.631  -10.384 1.00 11.33 ? 6  DG  A C4    1 
HETATM 121 CU CU    . PCU B 2 . ? 1.678   -3.057  -5.349  1.00 17.37 ? 7  PCU A CU    1 
HETATM 122 N  NA    . PCU B 2 . ? -0.181  -3.181  -4.508  1.00 25.09 ? 7  PCU A NA    1 
HETATM 123 C  C1A   . PCU B 2 . ? -0.678  -4.193  -3.707  1.00 26.46 ? 7  PCU A C1A   1 
HETATM 124 C  C2A   . PCU B 2 . ? -2.028  -3.842  -3.278  1.00 29.87 ? 7  PCU A C2A   1 
HETATM 125 C  C3A   . PCU B 2 . ? -2.317  -2.659  -3.789  1.00 32.36 ? 7  PCU A C3A   1 
HETATM 126 C  C4A   . PCU B 2 . ? -1.177  -2.239  -4.589  1.00 29.98 ? 7  PCU A C4A   1 
HETATM 127 C  C5A   . PCU B 2 . ? -1.114  -1.010  -5.260  1.00 29.79 ? 7  PCU A C5A   1 
HETATM 128 C  C6A   . PCU B 2 . ? -2.338  -0.157  -5.364  1.00 30.32 ? 7  PCU A C6A   1 
HETATM 129 C  C7A   . PCU B 2 . ? -3.244  -0.298  -6.411  1.00 29.13 ? 7  PCU A C7A   1 
HETATM 130 C  C8A   . PCU B 2 . ? -4.352  0.455   -6.500  1.00 34.48 ? 7  PCU A C8A   1 
HETATM 131 N  NPA   . PCU B 2 . ? -4.711  1.428   -5.505  1.00 39.49 ? 7  PCU A NPA   1 
HETATM 132 C  CMA   . PCU B 2 . ? -5.822  2.240   -5.514  1.00 41.19 ? 7  PCU A CMA   1 
HETATM 133 C  C9A   . PCU B 2 . ? -3.792  1.549   -4.454  1.00 34.43 ? 7  PCU A C9A   1 
HETATM 134 C  C0A   . PCU B 2 . ? -2.681  0.783   -4.353  1.00 32.99 ? 7  PCU A C0A   1 
HETATM 135 N  NB    . PCU B 2 . ? 1.172   -1.258  -6.135  1.00 23.11 ? 7  PCU A NB    1 
HETATM 136 C  C1B   . PCU B 2 . ? -0.002  -0.590  -6.016  1.00 25.40 ? 7  PCU A C1B   1 
HETATM 137 C  C2B   . PCU B 2 . ? 0.103   0.643   -6.717  1.00 23.67 ? 7  PCU A C2B   1 
HETATM 138 C  C3B   . PCU B 2 . ? 1.320   0.675   -7.308  1.00 23.20 ? 7  PCU A C3B   1 
HETATM 139 C  C4B   . PCU B 2 . ? 2.016   -0.526  -6.963  1.00 22.78 ? 7  PCU A C4B   1 
HETATM 140 C  C5B   . PCU B 2 . ? 3.241   -0.946  -7.438  1.00 16.56 ? 7  PCU A C5B   1 
HETATM 141 C  C6B   . PCU B 2 . ? 4.036   0.123   -8.114  1.00 11.19 ? 7  PCU A C6B   1 
HETATM 142 C  C7B   . PCU B 2 . ? 4.206   0.299   -9.470  1.00 17.00 ? 7  PCU A C7B   1 
HETATM 143 C  C8B   . PCU B 2 . ? 4.995   1.348   -9.914  1.00 22.24 ? 7  PCU A C8B   1 
HETATM 144 N  NPB   . PCU B 2 . ? 5.631   2.291   -9.044  1.00 20.66 ? 7  PCU A NPB   1 
HETATM 145 C  CMB   . PCU B 2 . ? 6.408   3.340   -9.424  1.00 24.52 ? 7  PCU A CMB   1 
HETATM 146 C  C9B   . PCU B 2 . ? 5.406   2.046   -7.677  1.00 18.25 ? 7  PCU A C9B   1 
HETATM 147 C  C0B   . PCU B 2 . ? 4.657   1.024   -7.224  1.00 18.09 ? 7  PCU A C0B   1 
HETATM 148 N  NC    . PCU B 2 . ? 3.512   -3.050  -6.299  1.00 13.95 ? 7  PCU A NC    1 
HETATM 149 C  C1C   . PCU B 2 . ? 4.024   -2.055  -7.080  1.00 14.12 ? 7  PCU A C1C   1 
HETATM 150 C  C2C   . PCU B 2 . ? 5.369   -2.392  -7.491  1.00 12.16 ? 7  PCU A C2C   1 
HETATM 151 C  C3C   . PCU B 2 . ? 5.616   -3.602  -7.034  1.00 10.61 ? 7  PCU A C3C   1 
HETATM 152 C  C4C   . PCU B 2 . ? 4.472   -4.028  -6.255  1.00 13.64 ? 7  PCU A C4C   1 
HETATM 153 C  C5C   . PCU B 2 . ? 4.424   -5.245  -5.546  1.00 16.44 ? 7  PCU A C5C   1 
HETATM 154 C  C6C   . PCU B 2 . ? 5.591   -6.177  -5.619  1.00 17.94 ? 7  PCU A C6C   1 
HETATM 155 C  C7C   . PCU B 2 . ? 6.819   -5.809  -4.991  1.00 24.35 ? 7  PCU A C7C   1 
HETATM 156 C  C8C   . PCU B 2 . ? 7.900   -6.624  -5.065  1.00 21.32 ? 7  PCU A C8C   1 
HETATM 157 N  NPC   . PCU B 2 . ? 7.916   -7.795  -5.826  1.00 25.53 ? 7  PCU A NPC   1 
HETATM 158 C  CMC   . PCU B 2 . ? 9.061   -8.570  -5.844  1.00 28.26 ? 7  PCU A CMC   1 
HETATM 159 C  C9C   . PCU B 2 . ? 6.696   -8.082  -6.513  1.00 22.71 ? 7  PCU A C9C   1 
HETATM 160 C  C0C   . PCU B 2 . ? 5.622   -7.284  -6.451  1.00 19.91 ? 7  PCU A C0C   1 
HETATM 161 N  ND    . PCU B 2 . ? 2.152   -4.953  -4.555  1.00 21.10 ? 7  PCU A ND    1 
HETATM 162 C  C1D   . PCU B 2 . ? 3.319   -5.652  -4.747  1.00 16.72 ? 7  PCU A C1D   1 
HETATM 163 C  C2D   . PCU B 2 . ? 3.201   -6.878  -4.016  1.00 16.18 ? 7  PCU A C2D   1 
HETATM 164 C  C3D   . PCU B 2 . ? 1.974   -6.921  -3.428  1.00 17.80 ? 7  PCU A C3D   1 
HETATM 165 C  C4D   . PCU B 2 . ? 1.292   -5.708  -3.766  1.00 23.30 ? 7  PCU A C4D   1 
HETATM 166 C  C5D   . PCU B 2 . ? 0.016   -5.314  -3.392  1.00 25.46 ? 7  PCU A C5D   1 
HETATM 167 C  C6D   . PCU B 2 . ? -0.748  -6.250  -2.481  1.00 26.83 ? 7  PCU A C6D   1 
HETATM 168 C  C7D   . PCU B 2 . ? -0.622  -6.188  -1.109  1.00 32.04 ? 7  PCU A C7D   1 
HETATM 169 C  C8D   . PCU B 2 . ? -1.384  -7.007  -0.313  1.00 32.25 ? 7  PCU A C8D   1 
HETATM 170 N  NPD   . PCU B 2 . ? -2.343  -7.934  -0.814  1.00 32.22 ? 7  PCU A NPD   1 
HETATM 171 C  CMD   . PCU B 2 . ? -3.171  -8.814  0.028   1.00 37.97 ? 7  PCU A CMD   1 
HETATM 172 C  C9D   . PCU B 2 . ? -2.468  -7.895  -2.213  1.00 32.14 ? 7  PCU A C9D   1 
HETATM 173 C  C0D   . PCU B 2 . ? -1.731  -7.101  -3.016  1.00 32.59 ? 7  PCU A C0D   1 
HETATM 174 NA NA    . NA  C 3 . ? 5.493   3.988   0.411   0.50 23.05 ? 8  NA  A NA    1 
HETATM 175 O  O     . HOH D 4 . ? 5.818   -3.379  6.411   1.00 12.99 ? 9  HOH A O     1 
HETATM 176 O  O     . HOH D 4 . ? -11.794 3.235   -0.902  1.00 25.61 ? 10 HOH A O     1 
HETATM 177 O  O     . HOH D 4 . ? -8.562  -2.469  11.528  1.00 45.55 ? 11 HOH A O     1 
HETATM 178 O  O     . HOH D 4 . ? -1.078  -11.580 16.226  1.00 2.00  ? 12 HOH A O     1 
HETATM 179 O  O     . HOH D 4 . ? 5.896   2.550   -2.253  1.00 13.50 ? 13 HOH A O     1 
HETATM 180 O  O     . HOH D 4 . ? -4.649  4.102   -8.472  1.00 26.47 ? 14 HOH A O     1 
HETATM 181 O  O     . HOH D 4 . ? -3.954  0.793   -11.041 1.00 27.64 ? 15 HOH A O     1 
HETATM 182 O  O     . HOH D 4 . ? 1.453   2.584   -16.129 1.00 8.81  ? 16 HOH A O     1 
HETATM 183 O  O     . HOH D 4 . ? 0.060   -10.256 -2.587  1.00 43.08 ? 17 HOH A O     1 
HETATM 184 O  O     . HOH D 4 . ? -7.315  5.174   15.887  1.00 26.00 ? 18 HOH A O     1 
HETATM 185 O  O     . HOH D 4 . ? -6.817  -0.382  -12.490 1.00 25.94 ? 19 HOH A O     1 
HETATM 186 O  O     . HOH D 4 . ? 14.649  -18.127 -9.787  1.00 52.68 ? 20 HOH A O     1 
HETATM 187 O  O     . HOH D 4 . ? -3.189  -0.423  -0.949  1.00 23.01 ? 21 HOH A O     1 
HETATM 188 O  O     . HOH D 4 . ? -3.996  8.369   -9.550  1.00 22.18 ? 22 HOH A O     1 
HETATM 189 O  O     . HOH D 4 . ? -4.780  1.341   2.483   1.00 30.46 ? 23 HOH A O     1 
HETATM 190 O  O     . HOH D 4 . ? -8.550  8.737   3.620   1.00 52.14 ? 24 HOH A O     1 
HETATM 191 O  O     . HOH D 4 . ? -9.538  2.843   -6.724  1.00 26.14 ? 25 HOH A O     1 
HETATM 192 O  O     . HOH D 4 . ? 5.100   3.589   -12.538 1.00 23.88 ? 26 HOH A O     1 
HETATM 193 O  O     . HOH D 4 . ? -8.563  -2.546  4.547   1.00 24.18 ? 27 HOH A O     1 
HETATM 194 O  O     . HOH D 4 . ? -8.244  6.817   12.615  1.00 30.64 ? 28 HOH A O     1 
HETATM 195 O  O     . HOH D 4 . ? 3.093   6.451   7.743   1.00 63.88 ? 29 HOH A O     1 
HETATM 196 O  O     . HOH D 4 . ? -12.888 0.098   0.474   1.00 25.33 ? 30 HOH A O     1 
HETATM 197 O  O     . HOH D 4 . ? -11.803 6.716   0.803   1.00 14.46 ? 31 HOH A O     1 
HETATM 198 O  O     . HOH D 4 . ? -7.834  -0.555  8.899   1.00 48.92 ? 32 HOH A O     1 
HETATM 199 O  O     . HOH D 4 . ? 12.399  -17.735 -4.922  1.00 42.80 ? 33 HOH A O     1 
HETATM 200 O  O     . HOH D 4 . ? -3.570  10.299  1.401   1.00 44.96 ? 34 HOH A O     1 
HETATM 201 O  O     . HOH D 4 . ? -13.699 7.498   12.245  1.00 39.42 ? 35 HOH A O     1 
HETATM 202 O  O     . HOH D 4 . ? -1.976  6.403   -8.496  0.50 30.95 ? 36 HOH A O     1 
HETATM 203 O  O     . HOH D 4 . ? -10.464 5.022   -3.678  1.00 52.77 ? 37 HOH A O     1 
# 
